data_2OGF
#
_entry.id   2OGF
#
_cell.length_a   75.693
_cell.length_b   46.270
_cell.length_c   79.276
_cell.angle_alpha   90.00
_cell.angle_beta   118.54
_cell.angle_gamma   90.00
#
_symmetry.space_group_name_H-M   'P 1 21 1'
#
loop_
_entity.id
_entity.type
_entity.pdbx_description
1 polymer 'Hypothetical protein MJ0408'
2 non-polymer 8-OXOGUANINE
3 non-polymer 'SULFATE ION'
4 non-polymer GLYCEROL
5 water water
#
_entity_poly.entity_id   1
_entity_poly.type   'polypeptide(L)'
_entity_poly.pdbx_seq_one_letter_code
;SLRVEETEVFKKYFKNLTDRERAVFEGGITLGALFHQFVGTPVSKYNKESLERAIEEA(MSE)KNQPCVYDIKVKIRNVG
EKYVSLDGK(MSE)LDVDLKIKINKTVAHLKLEYIPEIDYPL(MSE)YVKKFEE
;
_entity_poly.pdbx_strand_id   A,B,C,D
#
loop_
_chem_comp.id
_chem_comp.type
_chem_comp.name
_chem_comp.formula
GOL non-polymer GLYCEROL 'C3 H8 O3'
OXG non-polymer 8-OXOGUANINE 'C5 H3 N5 O2'
SO4 non-polymer 'SULFATE ION' 'O4 S -2'
#
# COMPACT_ATOMS: atom_id res chain seq x y z
N SER A 1 -3.54 7.38 -29.36
CA SER A 1 -3.40 7.12 -27.90
C SER A 1 -4.19 5.89 -27.49
N LEU A 2 -3.56 5.04 -26.69
CA LEU A 2 -4.22 3.86 -26.16
C LEU A 2 -4.80 4.12 -24.77
N ARG A 3 -4.62 5.33 -24.25
CA ARG A 3 -5.17 5.69 -22.93
C ARG A 3 -6.68 5.48 -22.82
N VAL A 4 -7.10 4.89 -21.71
CA VAL A 4 -8.50 4.57 -21.48
C VAL A 4 -9.39 5.82 -21.49
N GLU A 5 -8.87 6.97 -21.05
CA GLU A 5 -9.72 8.18 -20.95
C GLU A 5 -10.13 8.74 -22.31
N GLU A 6 -9.44 8.30 -23.36
CA GLU A 6 -9.77 8.73 -24.71
C GLU A 6 -10.99 8.00 -25.29
N THR A 7 -11.34 6.85 -24.73
CA THR A 7 -12.47 6.06 -25.22
C THR A 7 -13.83 6.75 -24.98
N GLU A 8 -14.77 6.47 -25.87
N GLU A 8 -14.79 6.49 -25.86
CA GLU A 8 -16.12 7.03 -25.79
CA GLU A 8 -16.11 7.10 -25.74
C GLU A 8 -16.83 6.56 -24.52
C GLU A 8 -16.90 6.54 -24.55
N VAL A 9 -16.66 5.27 -24.20
CA VAL A 9 -17.28 4.67 -23.00
C VAL A 9 -16.80 5.35 -21.71
N PHE A 10 -15.49 5.57 -21.60
CA PHE A 10 -14.95 6.36 -20.49
C PHE A 10 -15.61 7.75 -20.43
N LYS A 11 -15.61 8.46 -21.56
CA LYS A 11 -16.11 9.83 -21.63
C LYS A 11 -17.57 10.00 -21.24
N LYS A 12 -18.40 9.00 -21.59
CA LYS A 12 -19.83 9.05 -21.28
CA LYS A 12 -19.83 8.96 -21.26
C LYS A 12 -20.12 9.18 -19.77
N TYR A 13 -19.20 8.70 -18.93
CA TYR A 13 -19.39 8.76 -17.48
C TYR A 13 -19.04 10.13 -16.88
N PHE A 14 -18.63 11.10 -17.71
CA PHE A 14 -18.26 12.43 -17.22
C PHE A 14 -19.03 13.60 -17.87
N LYS A 15 -20.19 13.28 -18.44
CA LYS A 15 -20.98 14.28 -19.14
C LYS A 15 -21.67 15.22 -18.13
N ASN A 16 -21.82 14.78 -16.89
CA ASN A 16 -22.41 15.62 -15.82
C ASN A 16 -21.41 16.56 -15.14
N LEU A 17 -20.18 16.62 -15.64
CA LEU A 17 -19.16 17.46 -15.00
C LEU A 17 -18.60 18.50 -15.93
N THR A 18 -18.33 19.69 -15.38
CA THR A 18 -17.59 20.71 -16.12
C THR A 18 -16.13 20.26 -16.30
N ASP A 19 -15.42 20.86 -17.24
CA ASP A 19 -14.00 20.55 -17.39
C ASP A 19 -13.19 20.88 -16.13
N ARG A 20 -13.56 21.96 -15.41
CA ARG A 20 -12.90 22.28 -14.13
C ARG A 20 -13.19 21.24 -13.07
N GLU A 21 -14.45 20.82 -12.96
CA GLU A 21 -14.85 19.75 -12.03
C GLU A 21 -14.12 18.43 -12.33
N ARG A 22 -14.08 18.05 -13.61
CA ARG A 22 -13.31 16.89 -14.08
C ARG A 22 -11.84 16.99 -13.69
N ALA A 23 -11.23 18.15 -13.94
CA ALA A 23 -9.80 18.32 -13.69
C ALA A 23 -9.42 18.11 -12.23
N VAL A 24 -10.21 18.70 -11.34
CA VAL A 24 -9.90 18.57 -9.91
C VAL A 24 -10.28 17.18 -9.38
N PHE A 25 -11.33 16.59 -9.95
CA PHE A 25 -11.68 15.20 -9.62
C PHE A 25 -10.50 14.29 -9.94
N GLU A 26 -10.01 14.39 -11.18
CA GLU A 26 -8.87 13.58 -11.65
C GLU A 26 -7.59 13.84 -10.85
N GLY A 27 -7.39 15.11 -10.50
CA GLY A 27 -6.25 15.55 -9.69
C GLY A 27 -6.30 14.95 -8.29
N GLY A 28 -7.51 14.95 -7.71
CA GLY A 28 -7.75 14.37 -6.39
C GLY A 28 -7.40 12.90 -6.37
N ILE A 29 -7.92 12.16 -7.36
CA ILE A 29 -7.62 10.72 -7.52
C ILE A 29 -6.12 10.45 -7.51
N THR A 30 -5.39 11.21 -8.33
CA THR A 30 -3.97 10.97 -8.50
C THR A 30 -3.18 11.29 -7.23
N LEU A 31 -3.49 12.41 -6.56
CA LEU A 31 -2.81 12.72 -5.30
C LEU A 31 -3.13 11.70 -4.21
N GLY A 32 -4.39 11.30 -4.09
CA GLY A 32 -4.77 10.26 -3.09
C GLY A 32 -4.10 8.93 -3.42
N ALA A 33 -4.11 8.57 -4.70
CA ALA A 33 -3.46 7.36 -5.17
C ALA A 33 -1.96 7.39 -4.85
N LEU A 34 -1.29 8.49 -5.20
CA LEU A 34 0.14 8.63 -4.97
C LEU A 34 0.52 8.42 -3.49
N PHE A 35 -0.18 9.15 -2.62
CA PHE A 35 0.03 9.12 -1.19
C PHE A 35 -0.08 7.70 -0.66
N HIS A 36 -1.22 7.05 -0.91
CA HIS A 36 -1.46 5.72 -0.33
C HIS A 36 -0.66 4.58 -0.98
N GLN A 37 -0.29 4.75 -2.24
CA GLN A 37 0.53 3.74 -2.92
C GLN A 37 1.94 3.71 -2.33
N PHE A 38 2.48 4.90 -2.06
CA PHE A 38 3.90 5.00 -1.72
C PHE A 38 4.27 5.23 -0.27
N VAL A 39 3.39 5.84 0.53
CA VAL A 39 3.73 5.90 1.97
C VAL A 39 4.05 4.50 2.51
N GLY A 40 5.06 4.43 3.37
CA GLY A 40 5.57 3.16 3.87
C GLY A 40 6.83 2.70 3.17
N THR A 41 7.11 3.25 1.99
CA THR A 41 8.29 2.81 1.20
C THR A 41 9.58 3.16 1.93
N PRO A 42 10.53 2.20 2.09
CA PRO A 42 11.81 2.55 2.71
C PRO A 42 12.51 3.62 1.86
N VAL A 43 12.95 4.69 2.53
CA VAL A 43 13.60 5.78 1.80
C VAL A 43 14.79 6.37 2.57
N SER A 44 15.91 6.48 1.87
CA SER A 44 17.14 7.06 2.39
C SER A 44 17.76 7.86 1.24
N LYS A 45 18.85 8.57 1.53
CA LYS A 45 19.56 9.34 0.52
C LYS A 45 19.95 8.44 -0.65
N TYR A 46 20.24 7.19 -0.33
CA TYR A 46 20.61 6.20 -1.34
C TYR A 46 19.57 6.04 -2.47
N ASN A 47 18.29 5.87 -2.11
CA ASN A 47 17.25 5.62 -3.12
C ASN A 47 16.27 6.79 -3.36
N LYS A 48 16.56 7.96 -2.77
CA LYS A 48 15.69 9.13 -2.89
C LYS A 48 15.36 9.43 -4.34
N GLU A 49 16.41 9.56 -5.15
CA GLU A 49 16.24 9.96 -6.55
C GLU A 49 15.46 8.93 -7.37
N SER A 50 15.79 7.64 -7.23
CA SER A 50 15.08 6.59 -7.96
C SER A 50 13.61 6.52 -7.54
N LEU A 51 13.35 6.66 -6.25
CA LEU A 51 11.96 6.71 -5.74
C LEU A 51 11.19 7.88 -6.33
N GLU A 52 11.79 9.07 -6.30
CA GLU A 52 11.11 10.26 -6.83
C GLU A 52 10.76 10.08 -8.32
N ARG A 53 11.71 9.57 -9.10
CA ARG A 53 11.54 9.34 -10.53
C ARG A 53 10.44 8.29 -10.77
N ALA A 54 10.48 7.20 -10.00
CA ALA A 54 9.50 6.12 -10.17
C ALA A 54 8.08 6.60 -9.88
N ILE A 55 7.92 7.41 -8.82
CA ILE A 55 6.59 7.94 -8.47
C ILE A 55 6.05 8.85 -9.56
N GLU A 56 6.89 9.75 -10.06
CA GLU A 56 6.52 10.64 -11.14
C GLU A 56 6.04 9.84 -12.38
N GLU A 57 6.85 8.87 -12.80
CA GLU A 57 6.57 8.09 -14.02
C GLU A 57 5.37 7.17 -13.85
N ALA A 58 5.21 6.61 -12.64
CA ALA A 58 4.07 5.72 -12.33
C ALA A 58 2.77 6.48 -12.46
N MSE A 59 2.67 7.62 -11.77
CA MSE A 59 1.44 8.41 -11.72
C MSE A 59 1.09 9.08 -13.05
O MSE A 59 -0.09 9.29 -13.34
CB MSE A 59 1.46 9.42 -10.57
CG MSE A 59 1.87 8.76 -9.20
SE MSE A 59 0.92 7.07 -8.78
CE MSE A 59 -0.76 7.84 -8.82
N LYS A 60 2.10 9.40 -13.84
CA LYS A 60 1.90 9.93 -15.21
C LYS A 60 0.97 9.04 -16.07
N ASN A 61 1.01 7.73 -15.84
CA ASN A 61 0.09 6.76 -16.47
C ASN A 61 -1.40 7.07 -16.31
N GLN A 62 -1.79 7.60 -15.15
CA GLN A 62 -3.21 7.71 -14.80
C GLN A 62 -3.95 8.70 -15.69
N PRO A 63 -5.27 8.52 -15.84
CA PRO A 63 -6.07 9.44 -16.65
C PRO A 63 -5.79 10.92 -16.42
N CYS A 64 -5.53 11.62 -17.53
CA CYS A 64 -5.55 13.08 -17.61
C CYS A 64 -4.35 13.75 -16.93
N VAL A 65 -3.35 12.95 -16.55
CA VAL A 65 -2.17 13.52 -15.91
C VAL A 65 -1.27 14.09 -17.01
N TYR A 66 -1.08 15.40 -16.94
CA TYR A 66 -0.31 16.13 -17.93
C TYR A 66 1.18 16.20 -17.58
N ASP A 67 1.46 16.52 -16.32
CA ASP A 67 2.84 16.54 -15.83
C ASP A 67 2.81 16.37 -14.32
N ILE A 68 3.95 16.02 -13.73
CA ILE A 68 4.04 15.82 -12.29
C ILE A 68 5.50 15.95 -11.85
N LYS A 69 5.69 16.51 -10.66
CA LYS A 69 7.00 16.57 -10.07
C LYS A 69 6.88 16.17 -8.60
N VAL A 70 7.77 15.26 -8.18
CA VAL A 70 7.72 14.71 -6.82
C VAL A 70 9.04 14.94 -6.09
N LYS A 71 8.96 15.60 -4.93
CA LYS A 71 10.12 15.77 -4.07
C LYS A 71 9.85 15.14 -2.70
N ILE A 72 10.83 14.42 -2.18
CA ILE A 72 10.70 13.82 -0.84
C ILE A 72 11.61 14.63 0.08
N ARG A 73 11.01 15.18 1.13
CA ARG A 73 11.73 16.09 2.01
C ARG A 73 12.26 15.37 3.23
N ASN A 74 13.30 15.94 3.82
CA ASN A 74 13.89 15.43 5.07
C ASN A 74 14.38 13.99 5.03
N VAL A 75 14.94 13.61 3.90
CA VAL A 75 15.48 12.25 3.72
C VAL A 75 16.86 12.19 4.39
N GLY A 76 17.08 11.18 5.22
CA GLY A 76 18.36 11.04 5.90
C GLY A 76 19.23 9.91 5.37
N GLU A 77 20.47 9.85 5.83
CA GLU A 77 21.33 8.70 5.52
C GLU A 77 20.72 7.39 6.04
N LYS A 78 20.18 7.40 7.26
CA LYS A 78 19.45 6.24 7.81
C LYS A 78 18.07 6.18 7.15
N TYR A 79 17.64 5.01 6.69
CA TYR A 79 16.35 4.94 6.02
C TYR A 79 15.22 5.06 7.02
N VAL A 80 14.12 5.66 6.56
CA VAL A 80 12.85 5.65 7.28
C VAL A 80 11.74 5.15 6.33
N SER A 81 10.60 4.77 6.90
CA SER A 81 9.39 4.53 6.11
C SER A 81 8.87 5.86 5.62
N LEU A 82 8.67 6.00 4.31
CA LEU A 82 8.12 7.24 3.78
C LEU A 82 6.84 7.62 4.51
N ASP A 83 6.77 8.86 4.97
CA ASP A 83 5.47 9.28 5.47
CA ASP A 83 5.60 9.45 5.64
C ASP A 83 4.96 10.48 4.71
N GLY A 84 3.63 10.56 4.69
CA GLY A 84 2.91 11.57 3.89
C GLY A 84 3.40 13.01 4.09
N LYS A 85 3.87 13.32 5.29
CA LYS A 85 4.34 14.67 5.62
C LYS A 85 5.67 15.03 4.91
N MSE A 86 6.35 14.02 4.39
CA MSE A 86 7.61 14.22 3.65
C MSE A 86 7.39 14.49 2.17
O MSE A 86 8.31 14.84 1.47
CB MSE A 86 8.51 13.00 3.82
CG MSE A 86 8.92 12.73 5.27
SE MSE A 86 9.70 10.96 5.51
CE MSE A 86 11.21 11.10 4.31
N LEU A 87 6.16 14.30 1.69
CA LEU A 87 5.86 14.51 0.26
C LEU A 87 5.62 15.96 -0.14
N ASP A 88 6.20 16.35 -1.28
CA ASP A 88 6.03 17.66 -1.88
C ASP A 88 5.82 17.45 -3.37
N VAL A 89 4.58 17.59 -3.80
CA VAL A 89 4.13 17.19 -5.14
C VAL A 89 3.45 18.34 -5.87
N ASP A 90 3.89 18.57 -7.11
CA ASP A 90 3.16 19.45 -8.01
C ASP A 90 2.62 18.60 -9.15
N LEU A 91 1.33 18.78 -9.43
CA LEU A 91 0.60 18.00 -10.40
C LEU A 91 -0.19 18.87 -11.36
N LYS A 92 -0.11 18.56 -12.67
CA LYS A 92 -0.93 19.21 -13.70
C LYS A 92 -1.88 18.20 -14.33
N ILE A 93 -3.16 18.52 -14.33
CA ILE A 93 -4.17 17.73 -14.97
C ILE A 93 -4.69 18.57 -16.14
N LYS A 94 -4.84 17.94 -17.30
CA LYS A 94 -5.39 18.59 -18.49
C LYS A 94 -6.67 17.90 -18.94
N ILE A 95 -7.73 18.69 -19.06
CA ILE A 95 -9.02 18.21 -19.55
C ILE A 95 -9.40 19.15 -20.69
N ASN A 96 -9.35 18.65 -21.93
CA ASN A 96 -9.52 19.48 -23.10
C ASN A 96 -8.58 20.67 -23.02
N LYS A 97 -9.14 21.88 -22.91
CA LYS A 97 -8.31 23.09 -22.84
C LYS A 97 -8.04 23.58 -21.41
N THR A 98 -8.62 22.91 -20.42
CA THR A 98 -8.44 23.30 -19.01
C THR A 98 -7.25 22.57 -18.36
N VAL A 99 -6.37 23.33 -17.72
CA VAL A 99 -5.27 22.78 -16.93
C VAL A 99 -5.43 23.16 -15.45
N ALA A 100 -5.60 22.16 -14.59
CA ALA A 100 -5.57 22.40 -13.13
C ALA A 100 -4.18 22.12 -12.59
N HIS A 101 -3.66 23.02 -11.75
CA HIS A 101 -2.41 22.80 -11.04
C HIS A 101 -2.72 22.52 -9.58
N LEU A 102 -2.29 21.34 -9.14
CA LEU A 102 -2.61 20.87 -7.79
C LEU A 102 -1.32 20.69 -7.00
N LYS A 103 -1.45 20.67 -5.67
CA LYS A 103 -0.32 20.64 -4.78
C LYS A 103 -0.55 19.67 -3.63
N LEU A 104 0.46 18.85 -3.33
CA LEU A 104 0.54 18.14 -2.06
C LEU A 104 1.76 18.64 -1.29
N GLU A 105 1.53 19.15 -0.09
CA GLU A 105 2.63 19.65 0.76
C GLU A 105 2.23 19.71 2.23
N TYR A 106 3.24 19.66 3.08
CA TYR A 106 3.05 19.64 4.52
C TYR A 106 2.75 21.05 5.05
N ILE A 107 1.63 21.20 5.75
CA ILE A 107 1.27 22.50 6.32
C ILE A 107 1.48 22.47 7.84
N PRO A 108 2.55 23.13 8.33
CA PRO A 108 2.92 23.04 9.73
C PRO A 108 1.78 23.45 10.68
N GLU A 109 1.08 24.53 10.35
CA GLU A 109 0.04 25.13 11.19
C GLU A 109 -1.12 24.19 11.50
N ILE A 110 -1.39 23.24 10.61
CA ILE A 110 -2.40 22.21 10.86
C ILE A 110 -1.80 20.80 10.94
N ASP A 111 -0.47 20.72 10.95
CA ASP A 111 0.26 19.45 11.01
C ASP A 111 -0.33 18.42 10.05
N TYR A 112 -0.53 18.83 8.80
CA TYR A 112 -1.31 18.03 7.84
C TYR A 112 -0.65 18.03 6.48
N PRO A 113 -0.55 16.85 5.83
CA PRO A 113 -0.11 16.84 4.44
C PRO A 113 -1.30 17.19 3.54
N LEU A 114 -1.41 18.47 3.18
CA LEU A 114 -2.61 18.95 2.53
C LEU A 114 -2.58 18.83 1.02
N MSE A 115 -3.68 18.32 0.44
CA MSE A 115 -3.86 18.34 -1.02
C MSE A 115 -4.80 19.47 -1.41
O MSE A 115 -5.84 19.63 -0.81
CB MSE A 115 -4.47 17.02 -1.48
CG MSE A 115 -3.57 15.83 -1.19
SE MSE A 115 -4.51 14.14 -1.26
CE MSE A 115 -3.01 13.09 -0.59
N TYR A 116 -4.43 20.25 -2.41
CA TYR A 116 -5.27 21.41 -2.81
C TYR A 116 -5.01 21.84 -4.25
N VAL A 117 -5.82 22.77 -4.73
CA VAL A 117 -5.69 23.31 -6.08
C VAL A 117 -5.03 24.69 -6.00
N LYS A 118 -3.85 24.80 -6.63
CA LYS A 118 -3.12 26.06 -6.73
C LYS A 118 -3.83 27.02 -7.66
N LYS A 119 -4.15 26.56 -8.87
CA LYS A 119 -4.73 27.42 -9.90
C LYS A 119 -5.21 26.62 -11.11
N PHE A 120 -6.03 27.28 -11.93
CA PHE A 120 -6.45 26.79 -13.24
C PHE A 120 -5.80 27.65 -14.32
N GLU A 121 -5.48 27.05 -15.47
CA GLU A 121 -5.25 27.82 -16.70
C GLU A 121 -6.45 27.56 -17.62
N SER B 1 -8.22 -28.58 3.07
CA SER B 1 -8.91 -27.33 2.68
C SER B 1 -8.46 -26.89 1.28
N LEU B 2 -8.89 -25.70 0.87
CA LEU B 2 -8.44 -25.15 -0.40
C LEU B 2 -7.16 -24.29 -0.27
N ARG B 3 -6.59 -24.26 0.94
CA ARG B 3 -5.40 -23.45 1.19
C ARG B 3 -4.21 -23.92 0.33
N VAL B 4 -3.57 -22.98 -0.37
CA VAL B 4 -2.50 -23.25 -1.32
C VAL B 4 -1.34 -24.05 -0.72
N GLU B 5 -1.00 -23.78 0.53
CA GLU B 5 0.12 -24.49 1.18
C GLU B 5 -0.16 -25.98 1.40
N GLU B 6 -1.42 -26.38 1.23
CA GLU B 6 -1.78 -27.81 1.31
C GLU B 6 -1.51 -28.60 0.01
N THR B 7 -1.28 -27.88 -1.09
CA THR B 7 -1.08 -28.53 -2.39
C THR B 7 0.32 -29.10 -2.51
N GLU B 8 0.44 -30.21 -3.27
CA GLU B 8 1.75 -30.82 -3.54
C GLU B 8 2.69 -29.88 -4.32
N VAL B 9 2.15 -29.15 -5.29
CA VAL B 9 2.98 -28.18 -6.02
C VAL B 9 3.64 -27.16 -5.10
N PHE B 10 2.88 -26.60 -4.16
CA PHE B 10 3.42 -25.65 -3.17
C PHE B 10 4.51 -26.28 -2.33
N LYS B 11 4.21 -27.46 -1.78
CA LYS B 11 5.09 -28.15 -0.86
C LYS B 11 6.47 -28.43 -1.47
N LYS B 12 6.50 -28.69 -2.78
CA LYS B 12 7.76 -29.11 -3.41
C LYS B 12 8.82 -28.00 -3.44
N TYR B 13 8.37 -26.77 -3.21
CA TYR B 13 9.27 -25.61 -3.16
C TYR B 13 9.93 -25.36 -1.81
N PHE B 14 9.63 -26.20 -0.81
CA PHE B 14 10.17 -26.04 0.57
C PHE B 14 10.89 -27.27 1.15
N LYS B 15 11.34 -28.14 0.26
CA LYS B 15 12.11 -29.33 0.65
C LYS B 15 13.50 -28.97 1.22
N ASN B 16 14.00 -27.77 0.88
CA ASN B 16 15.32 -27.33 1.34
C ASN B 16 15.35 -26.58 2.69
N LEU B 17 14.24 -26.58 3.41
CA LEU B 17 14.16 -25.86 4.67
C LEU B 17 13.74 -26.82 5.78
N THR B 18 14.31 -26.63 6.97
CA THR B 18 13.82 -27.30 8.17
C THR B 18 12.46 -26.66 8.50
N ASP B 19 11.71 -27.27 9.43
CA ASP B 19 10.44 -26.69 9.86
C ASP B 19 10.59 -25.35 10.57
N ARG B 20 11.66 -25.17 11.35
CA ARG B 20 11.93 -23.90 12.04
C ARG B 20 12.24 -22.81 11.04
N GLU B 21 13.12 -23.13 10.07
CA GLU B 21 13.47 -22.21 9.00
C GLU B 21 12.21 -21.81 8.21
N ARG B 22 11.41 -22.81 7.84
CA ARG B 22 10.17 -22.54 7.13
C ARG B 22 9.22 -21.64 7.94
N ALA B 23 9.09 -21.93 9.24
CA ALA B 23 8.20 -21.16 10.11
C ALA B 23 8.60 -19.69 10.20
N VAL B 24 9.90 -19.44 10.34
CA VAL B 24 10.37 -18.05 10.45
C VAL B 24 10.35 -17.33 9.09
N PHE B 25 10.61 -18.07 8.00
CA PHE B 25 10.43 -17.53 6.65
C PHE B 25 8.98 -17.04 6.41
N GLU B 26 8.00 -17.93 6.66
CA GLU B 26 6.58 -17.56 6.54
C GLU B 26 6.17 -16.42 7.49
N GLY B 27 6.72 -16.45 8.70
CA GLY B 27 6.46 -15.40 9.69
C GLY B 27 6.98 -14.05 9.23
N GLY B 28 8.20 -14.05 8.67
CA GLY B 28 8.79 -12.85 8.11
C GLY B 28 7.92 -12.31 6.95
N ILE B 29 7.49 -13.20 6.04
CA ILE B 29 6.55 -12.80 4.98
C ILE B 29 5.32 -12.05 5.52
N THR B 30 4.63 -12.64 6.49
CA THR B 30 3.38 -12.07 7.02
C THR B 30 3.57 -10.73 7.71
N LEU B 31 4.65 -10.60 8.50
CA LEU B 31 4.93 -9.32 9.14
C LEU B 31 5.29 -8.24 8.13
N GLY B 32 6.15 -8.56 7.16
CA GLY B 32 6.50 -7.59 6.10
C GLY B 32 5.28 -7.20 5.30
N ALA B 33 4.46 -8.19 4.97
CA ALA B 33 3.19 -7.99 4.27
C ALA B 33 2.24 -7.05 5.03
N LEU B 34 2.03 -7.33 6.31
CA LEU B 34 1.09 -6.58 7.17
C LEU B 34 1.52 -5.12 7.26
N PHE B 35 2.81 -4.92 7.53
CA PHE B 35 3.37 -3.60 7.70
C PHE B 35 3.10 -2.80 6.44
N HIS B 36 3.50 -3.33 5.29
CA HIS B 36 3.45 -2.55 4.06
C HIS B 36 2.07 -2.41 3.43
N GLN B 37 1.19 -3.38 3.71
CA GLN B 37 -0.17 -3.28 3.21
C GLN B 37 -0.96 -2.18 3.92
N PHE B 38 -0.73 -2.03 5.24
CA PHE B 38 -1.62 -1.22 6.09
C PHE B 38 -1.08 0.11 6.55
N VAL B 39 0.24 0.26 6.56
CA VAL B 39 0.81 1.58 6.89
C VAL B 39 0.22 2.60 5.90
N GLY B 40 -0.17 3.76 6.42
CA GLY B 40 -0.83 4.78 5.62
C GLY B 40 -2.34 4.86 5.82
N THR B 41 -2.94 3.80 6.35
CA THR B 41 -4.40 3.71 6.49
C THR B 41 -4.87 4.75 7.51
N PRO B 42 -5.90 5.56 7.18
CA PRO B 42 -6.42 6.50 8.20
C PRO B 42 -6.88 5.75 9.46
N VAL B 43 -6.44 6.21 10.63
CA VAL B 43 -6.82 5.58 11.90
C VAL B 43 -7.13 6.58 13.03
N SER B 44 -8.28 6.38 13.65
CA SER B 44 -8.69 7.12 14.82
C SER B 44 -9.38 6.13 15.79
N LYS B 45 -9.80 6.64 16.96
CA LYS B 45 -10.60 5.81 17.86
C LYS B 45 -11.83 5.26 17.16
N TYR B 46 -12.39 6.04 16.22
CA TYR B 46 -13.55 5.63 15.40
C TYR B 46 -13.37 4.25 14.74
N ASN B 47 -12.23 4.01 14.09
CA ASN B 47 -12.04 2.77 13.33
C ASN B 47 -10.93 1.84 13.85
N LYS B 48 -10.37 2.16 15.03
CA LYS B 48 -9.28 1.36 15.61
C LYS B 48 -9.62 -0.14 15.63
N GLU B 49 -10.77 -0.48 16.21
N GLU B 49 -10.77 -0.49 16.22
CA GLU B 49 -11.12 -1.89 16.36
CA GLU B 49 -11.13 -1.90 16.39
C GLU B 49 -11.33 -2.61 15.03
C GLU B 49 -11.38 -2.62 15.04
N SER B 50 -12.09 -1.97 14.13
CA SER B 50 -12.38 -2.59 12.83
C SER B 50 -11.08 -2.81 12.02
N LEU B 51 -10.14 -1.87 12.12
CA LEU B 51 -8.84 -1.99 11.44
C LEU B 51 -8.03 -3.13 12.02
N GLU B 52 -7.96 -3.19 13.36
CA GLU B 52 -7.21 -4.25 14.04
C GLU B 52 -7.76 -5.63 13.63
N ARG B 53 -9.09 -5.76 13.65
CA ARG B 53 -9.76 -7.01 13.30
C ARG B 53 -9.57 -7.37 11.84
N ALA B 54 -9.70 -6.39 10.94
CA ALA B 54 -9.51 -6.62 9.50
C ALA B 54 -8.08 -7.05 9.19
N ILE B 55 -7.11 -6.43 9.86
CA ILE B 55 -5.71 -6.82 9.66
C ILE B 55 -5.50 -8.28 10.09
N GLU B 56 -5.96 -8.63 11.29
CA GLU B 56 -5.88 -10.03 11.76
C GLU B 56 -6.49 -11.03 10.77
N GLU B 57 -7.74 -10.79 10.37
CA GLU B 57 -8.43 -11.75 9.48
C GLU B 57 -7.79 -11.82 8.09
N ALA B 58 -7.31 -10.68 7.60
CA ALA B 58 -6.67 -10.67 6.28
C ALA B 58 -5.41 -11.52 6.28
N MSE B 59 -4.57 -11.33 7.30
N MSE B 59 -4.56 -11.32 7.29
CA MSE B 59 -3.29 -12.04 7.38
CA MSE B 59 -3.29 -12.03 7.43
C MSE B 59 -3.44 -13.54 7.70
C MSE B 59 -3.47 -13.54 7.66
O MSE B 59 -2.58 -14.34 7.36
O MSE B 59 -2.62 -14.33 7.26
CB MSE B 59 -2.35 -11.35 8.38
CB MSE B 59 -2.46 -11.43 8.55
CG MSE B 59 -2.06 -9.85 8.09
CG MSE B 59 -1.85 -10.06 8.24
SE MSE B 59 -2.01 -9.28 6.22
SE MSE B 59 -0.88 -9.94 6.56
CE MSE B 59 -0.51 -10.30 5.66
CE MSE B 59 -2.26 -9.17 5.46
N LYS B 60 -4.56 -13.90 8.33
CA LYS B 60 -4.91 -15.31 8.57
C LYS B 60 -5.04 -16.13 7.28
N ASN B 61 -5.34 -15.46 6.17
CA ASN B 61 -5.38 -16.08 4.84
C ASN B 61 -4.02 -16.63 4.41
N GLN B 62 -2.93 -16.00 4.86
CA GLN B 62 -1.63 -16.33 4.27
C GLN B 62 -1.10 -17.71 4.71
N PRO B 63 -0.29 -18.36 3.84
CA PRO B 63 0.28 -19.66 4.19
C PRO B 63 0.79 -19.81 5.62
N CYS B 64 0.32 -20.85 6.30
CA CYS B 64 0.84 -21.31 7.58
C CYS B 64 0.57 -20.38 8.77
N VAL B 65 -0.27 -19.38 8.60
CA VAL B 65 -0.62 -18.54 9.74
C VAL B 65 -1.58 -19.31 10.65
N TYR B 66 -1.18 -19.48 11.89
CA TYR B 66 -1.94 -20.21 12.87
C TYR B 66 -2.81 -19.25 13.68
N ASP B 67 -2.23 -18.15 14.13
CA ASP B 67 -2.97 -17.16 14.90
C ASP B 67 -2.23 -15.83 14.82
N ILE B 68 -2.98 -14.73 15.03
CA ILE B 68 -2.42 -13.38 14.98
C ILE B 68 -3.25 -12.42 15.85
N LYS B 69 -2.56 -11.52 16.55
CA LYS B 69 -3.23 -10.48 17.31
C LYS B 69 -2.55 -9.16 16.97
N VAL B 70 -3.35 -8.17 16.61
CA VAL B 70 -2.88 -6.87 16.21
C VAL B 70 -3.43 -5.81 17.15
N LYS B 71 -2.53 -5.05 17.74
CA LYS B 71 -2.88 -3.85 18.51
CA LYS B 71 -2.92 -3.84 18.46
C LYS B 71 -2.26 -2.62 17.85
N ILE B 72 -3.03 -1.56 17.71
CA ILE B 72 -2.52 -0.29 17.22
C ILE B 72 -2.43 0.65 18.43
N ARG B 73 -1.23 1.13 18.69
CA ARG B 73 -0.93 1.97 19.85
CA ARG B 73 -1.00 1.96 19.86
C ARG B 73 -1.07 3.44 19.52
N ASN B 74 -1.33 4.26 20.55
CA ASN B 74 -1.38 5.72 20.43
C ASN B 74 -2.40 6.28 19.45
N VAL B 75 -3.56 5.65 19.37
CA VAL B 75 -4.64 6.14 18.50
C VAL B 75 -5.39 7.25 19.26
N GLY B 76 -5.67 8.35 18.57
CA GLY B 76 -6.39 9.47 19.20
C GLY B 76 -7.76 9.72 18.59
N GLU B 77 -8.48 10.72 19.11
CA GLU B 77 -9.78 11.10 18.56
C GLU B 77 -9.64 11.63 17.14
N LYS B 78 -8.54 12.29 16.87
CA LYS B 78 -8.23 12.82 15.55
C LYS B 78 -7.46 11.76 14.78
N TYR B 79 -7.77 11.60 13.50
CA TYR B 79 -7.17 10.52 12.72
C TYR B 79 -5.73 10.84 12.33
N VAL B 80 -4.94 9.81 12.16
CA VAL B 80 -3.59 9.96 11.58
C VAL B 80 -3.44 8.83 10.55
N SER B 81 -2.47 8.96 9.66
CA SER B 81 -2.07 7.85 8.80
C SER B 81 -1.38 6.84 9.70
N LEU B 82 -1.84 5.60 9.66
CA LEU B 82 -1.14 4.53 10.35
C LEU B 82 0.36 4.55 10.04
N ASP B 83 1.14 4.46 11.11
N ASP B 83 1.20 4.57 11.07
CA ASP B 83 2.60 4.48 11.09
CA ASP B 83 2.61 4.37 10.81
C ASP B 83 3.08 3.13 11.63
C ASP B 83 3.09 3.16 11.57
N GLY B 84 4.16 2.58 11.06
CA GLY B 84 4.71 1.30 11.51
C GLY B 84 5.06 1.22 12.99
N LYS B 85 5.48 2.35 13.56
CA LYS B 85 5.85 2.44 14.97
C LYS B 85 4.64 2.31 15.91
N MSE B 86 3.43 2.44 15.38
CA MSE B 86 2.20 2.24 16.17
C MSE B 86 1.73 0.77 16.23
O MSE B 86 0.79 0.47 16.95
CB MSE B 86 1.07 3.11 15.61
CG MSE B 86 1.32 4.63 15.69
SE MSE B 86 0.10 5.64 14.49
CE MSE B 86 -1.60 5.13 15.29
N LEU B 87 2.34 -0.11 15.45
CA LEU B 87 1.90 -1.53 15.41
C LEU B 87 2.52 -2.38 16.50
N ASP B 88 1.70 -3.23 17.11
CA ASP B 88 2.14 -4.16 18.16
C ASP B 88 1.45 -5.48 17.79
N VAL B 89 2.24 -6.42 17.28
CA VAL B 89 1.69 -7.63 16.69
C VAL B 89 2.34 -8.86 17.27
N ASP B 90 1.50 -9.85 17.58
CA ASP B 90 1.96 -11.18 17.95
C ASP B 90 1.39 -12.13 16.92
N LEU B 91 2.29 -12.91 16.34
CA LEU B 91 1.98 -13.79 15.23
C LEU B 91 2.47 -15.19 15.57
N LYS B 92 1.62 -16.19 15.27
CA LYS B 92 2.03 -17.59 15.37
C LYS B 92 2.02 -18.24 13.99
N ILE B 93 3.15 -18.85 13.62
CA ILE B 93 3.26 -19.65 12.39
C ILE B 93 3.39 -21.13 12.75
N LYS B 94 2.58 -21.98 12.14
CA LYS B 94 2.66 -23.42 12.42
C LYS B 94 3.13 -24.26 11.23
N ILE B 95 4.25 -24.94 11.38
CA ILE B 95 4.75 -25.86 10.36
C ILE B 95 4.82 -27.25 10.98
N ASN B 96 3.92 -28.14 10.55
CA ASN B 96 3.80 -29.47 11.15
C ASN B 96 3.63 -29.31 12.67
N LYS B 97 4.62 -29.73 13.45
CA LYS B 97 4.52 -29.65 14.92
C LYS B 97 5.25 -28.45 15.53
N THR B 98 5.89 -27.66 14.66
CA THR B 98 6.66 -26.50 15.09
C THR B 98 5.78 -25.25 15.06
N VAL B 99 5.82 -24.48 16.14
CA VAL B 99 5.15 -23.17 16.16
C VAL B 99 6.19 -22.11 16.43
N ALA B 100 6.31 -21.15 15.51
CA ALA B 100 7.13 -19.96 15.76
C ALA B 100 6.23 -18.82 16.25
N HIS B 101 6.66 -18.14 17.31
CA HIS B 101 5.96 -16.98 17.83
C HIS B 101 6.78 -15.76 17.47
N LEU B 102 6.19 -14.86 16.68
CA LEU B 102 6.93 -13.69 16.21
C LEU B 102 6.29 -12.41 16.71
N LYS B 103 7.07 -11.34 16.72
CA LYS B 103 6.64 -10.05 17.27
C LYS B 103 7.01 -8.92 16.32
N LEU B 104 6.07 -7.97 16.19
CA LEU B 104 6.36 -6.65 15.65
C LEU B 104 6.06 -5.64 16.76
N GLU B 105 7.06 -4.83 17.10
CA GLU B 105 6.89 -3.82 18.15
C GLU B 105 7.91 -2.69 18.05
N TYR B 106 7.51 -1.52 18.54
CA TYR B 106 8.36 -0.35 18.48
C TYR B 106 9.46 -0.44 19.55
N ILE B 107 10.71 -0.30 19.12
CA ILE B 107 11.87 -0.29 20.02
C ILE B 107 12.39 1.15 20.11
N PRO B 108 12.03 1.86 21.20
CA PRO B 108 12.41 3.27 21.35
C PRO B 108 13.93 3.53 21.23
N GLU B 109 14.77 2.66 21.79
CA GLU B 109 16.24 2.86 21.79
C GLU B 109 16.82 2.99 20.38
N ILE B 110 16.21 2.31 19.40
CA ILE B 110 16.67 2.43 18.02
C ILE B 110 15.62 3.09 17.10
N ASP B 111 14.61 3.68 17.72
CA ASP B 111 13.53 4.34 16.98
C ASP B 111 13.10 3.50 15.78
N TYR B 112 12.77 2.24 16.03
CA TYR B 112 12.57 1.29 14.94
C TYR B 112 11.41 0.35 15.25
N PRO B 113 10.49 0.15 14.27
CA PRO B 113 9.46 -0.87 14.39
C PRO B 113 10.06 -2.25 14.05
N LEU B 114 10.44 -3.00 15.09
CA LEU B 114 11.27 -4.19 14.90
C LEU B 114 10.44 -5.47 14.79
N MSE B 115 10.83 -6.30 13.83
CA MSE B 115 10.23 -7.62 13.65
C MSE B 115 11.24 -8.65 14.13
O MSE B 115 12.41 -8.63 13.73
CB MSE B 115 9.91 -7.86 12.17
CG MSE B 115 8.78 -6.97 11.66
SE MSE B 115 8.82 -6.96 9.73
CE MSE B 115 7.52 -5.50 9.50
N TYR B 116 10.80 -9.57 14.98
CA TYR B 116 11.71 -10.61 15.50
C TYR B 116 10.95 -11.85 15.95
N VAL B 117 11.70 -12.90 16.33
CA VAL B 117 11.13 -14.15 16.81
C VAL B 117 11.26 -14.23 18.34
N LYS B 118 10.11 -14.34 19.01
CA LYS B 118 10.04 -14.50 20.46
C LYS B 118 10.56 -15.85 20.89
N LYS B 119 9.95 -16.89 20.35
CA LYS B 119 10.17 -18.25 20.80
C LYS B 119 9.64 -19.23 19.77
N PHE B 120 10.10 -20.48 19.89
CA PHE B 120 9.52 -21.60 19.20
C PHE B 120 8.82 -22.51 20.20
N GLU B 121 7.73 -23.13 19.76
CA GLU B 121 7.01 -24.11 20.55
C GLU B 121 7.02 -25.42 19.78
N GLU B 122 7.68 -26.43 20.36
CA GLU B 122 7.81 -27.75 19.72
C GLU B 122 7.44 -28.91 20.65
N SER C 1 -16.14 19.48 16.71
CA SER C 1 -15.39 18.54 15.79
C SER C 1 -13.91 18.86 15.78
N LEU C 2 -13.09 17.81 15.82
CA LEU C 2 -11.64 17.94 15.76
C LEU C 2 -11.10 17.73 14.33
N ARG C 3 -12.02 17.50 13.40
CA ARG C 3 -11.65 17.33 11.99
C ARG C 3 -10.87 18.52 11.45
N VAL C 4 -9.78 18.19 10.76
CA VAL C 4 -8.86 19.18 10.22
C VAL C 4 -9.55 20.11 9.21
N GLU C 5 -10.49 19.59 8.44
CA GLU C 5 -11.15 20.38 7.39
C GLU C 5 -12.03 21.51 7.95
N GLU C 6 -12.33 21.43 9.25
CA GLU C 6 -13.14 22.47 9.88
C GLU C 6 -12.31 23.72 10.25
N THR C 7 -10.98 23.56 10.33
CA THR C 7 -10.08 24.68 10.68
C THR C 7 -10.06 25.77 9.60
N GLU C 8 -9.81 27.00 10.06
N GLU C 8 -9.80 27.00 10.03
CA GLU C 8 -9.70 28.16 9.19
CA GLU C 8 -9.73 28.14 9.11
C GLU C 8 -8.54 28.00 8.20
C GLU C 8 -8.51 28.07 8.19
N VAL C 9 -7.39 27.56 8.71
CA VAL C 9 -6.19 27.32 7.88
C VAL C 9 -6.46 26.36 6.71
N PHE C 10 -7.07 25.20 6.99
CA PHE C 10 -7.46 24.24 5.95
C PHE C 10 -8.35 24.95 4.92
N LYS C 11 -9.43 25.57 5.39
CA LYS C 11 -10.44 26.20 4.54
C LYS C 11 -9.88 27.27 3.60
N LYS C 12 -8.86 28.00 4.06
CA LYS C 12 -8.28 29.09 3.27
C LYS C 12 -7.59 28.58 1.98
N TYR C 13 -7.23 27.30 1.97
CA TYR C 13 -6.64 26.68 0.79
C TYR C 13 -7.66 26.26 -0.27
N PHE C 14 -8.94 26.55 -0.06
CA PHE C 14 -10.02 26.13 -0.98
C PHE C 14 -10.98 27.23 -1.40
N LYS C 15 -10.57 28.47 -1.18
CA LYS C 15 -11.37 29.65 -1.55
C LYS C 15 -11.48 29.79 -3.07
N ASN C 16 -10.52 29.21 -3.80
CA ASN C 16 -10.55 29.25 -5.28
C ASN C 16 -11.47 28.21 -5.93
N LEU C 17 -12.16 27.40 -5.12
CA LEU C 17 -13.06 26.35 -5.66
C LEU C 17 -14.52 26.50 -5.29
N THR C 18 -15.41 26.15 -6.22
CA THR C 18 -16.84 26.04 -5.94
C THR C 18 -17.08 24.82 -5.05
N ASP C 19 -18.22 24.79 -4.37
CA ASP C 19 -18.59 23.67 -3.50
C ASP C 19 -18.69 22.36 -4.28
N ARG C 20 -19.16 22.44 -5.52
CA ARG C 20 -19.20 21.27 -6.40
C ARG C 20 -17.78 20.83 -6.77
N GLU C 21 -16.90 21.78 -7.08
CA GLU C 21 -15.49 21.46 -7.38
C GLU C 21 -14.79 20.83 -6.17
N ARG C 22 -15.00 21.44 -5.00
CA ARG C 22 -14.49 20.89 -3.74
C ARG C 22 -14.96 19.46 -3.52
N ALA C 23 -16.25 19.21 -3.77
CA ALA C 23 -16.85 17.92 -3.44
C ALA C 23 -16.25 16.81 -4.29
N VAL C 24 -16.06 17.10 -5.59
CA VAL C 24 -15.51 16.10 -6.50
C VAL C 24 -14.00 15.97 -6.28
N PHE C 25 -13.33 17.05 -5.87
CA PHE C 25 -11.90 16.96 -5.54
C PHE C 25 -11.70 16.04 -4.33
N GLU C 26 -12.47 16.29 -3.26
CA GLU C 26 -12.41 15.46 -2.05
C GLU C 26 -12.83 14.02 -2.30
N GLY C 27 -13.81 13.85 -3.17
CA GLY C 27 -14.31 12.53 -3.55
C GLY C 27 -13.28 11.74 -4.32
N GLY C 28 -12.57 12.45 -5.20
CA GLY C 28 -11.50 11.84 -5.99
C GLY C 28 -10.38 11.36 -5.09
N ILE C 29 -9.98 12.18 -4.11
CA ILE C 29 -8.90 11.83 -3.16
C ILE C 29 -9.22 10.52 -2.44
N THR C 30 -10.44 10.44 -1.93
CA THR C 30 -10.84 9.30 -1.11
C THR C 30 -10.91 7.99 -1.94
N LEU C 31 -11.44 8.07 -3.15
CA LEU C 31 -11.47 6.89 -4.03
C LEU C 31 -10.06 6.44 -4.47
N GLY C 32 -9.19 7.38 -4.81
CA GLY C 32 -7.80 7.02 -5.19
C GLY C 32 -7.07 6.46 -3.97
N ALA C 33 -7.30 7.10 -2.82
CA ALA C 33 -6.70 6.63 -1.55
C ALA C 33 -7.13 5.21 -1.19
N LEU C 34 -8.44 4.94 -1.26
CA LEU C 34 -9.04 3.64 -0.93
C LEU C 34 -8.46 2.52 -1.81
N PHE C 35 -8.46 2.75 -3.11
CA PHE C 35 -7.95 1.83 -4.11
C PHE C 35 -6.49 1.46 -3.78
N HIS C 36 -5.63 2.45 -3.66
CA HIS C 36 -4.20 2.19 -3.50
C HIS C 36 -3.80 1.72 -2.09
N GLN C 37 -4.60 2.06 -1.09
CA GLN C 37 -4.33 1.60 0.26
C GLN C 37 -4.61 0.10 0.39
N PHE C 38 -5.70 -0.34 -0.23
CA PHE C 38 -6.22 -1.69 0.03
C PHE C 38 -6.00 -2.75 -1.05
N VAL C 39 -5.83 -2.33 -2.29
CA VAL C 39 -5.42 -3.27 -3.34
C VAL C 39 -4.17 -4.04 -2.86
N GLY C 40 -4.18 -5.36 -3.08
CA GLY C 40 -3.13 -6.25 -2.59
C GLY C 40 -3.48 -7.01 -1.32
N THR C 41 -4.47 -6.52 -0.57
CA THR C 41 -4.85 -7.16 0.71
C THR C 41 -5.37 -8.60 0.47
N PRO C 42 -4.85 -9.60 1.24
CA PRO C 42 -5.43 -10.95 1.11
C PRO C 42 -6.92 -10.91 1.44
N VAL C 43 -7.74 -11.46 0.54
CA VAL C 43 -9.18 -11.51 0.74
C VAL C 43 -9.81 -12.85 0.31
N SER C 44 -10.61 -13.40 1.22
CA SER C 44 -11.41 -14.59 0.97
C SER C 44 -12.77 -14.40 1.65
N LYS C 45 -13.65 -15.37 1.47
CA LYS C 45 -14.95 -15.40 2.17
C LYS C 45 -14.76 -15.20 3.67
N TYR C 46 -13.66 -15.76 4.21
CA TYR C 46 -13.37 -15.64 5.64
C TYR C 46 -13.32 -14.20 6.16
N ASN C 47 -12.63 -13.31 5.43
CA ASN C 47 -12.41 -11.94 5.92
C ASN C 47 -13.08 -10.82 5.08
N LYS C 48 -13.87 -11.22 4.11
CA LYS C 48 -14.57 -10.27 3.24
C LYS C 48 -15.33 -9.22 4.08
N GLU C 49 -16.18 -9.68 5.00
CA GLU C 49 -17.00 -8.74 5.78
C GLU C 49 -16.16 -7.79 6.64
N SER C 50 -15.16 -8.32 7.35
CA SER C 50 -14.32 -7.45 8.18
C SER C 50 -13.51 -6.45 7.33
N LEU C 51 -13.04 -6.90 6.15
CA LEU C 51 -12.32 -6.02 5.24
C LEU C 51 -13.21 -4.89 4.74
N GLU C 52 -14.42 -5.23 4.31
CA GLU C 52 -15.34 -4.19 3.82
C GLU C 52 -15.63 -3.13 4.91
N ARG C 53 -15.93 -3.59 6.12
CA ARG C 53 -16.22 -2.71 7.27
C ARG C 53 -15.01 -1.83 7.61
N ALA C 54 -13.82 -2.42 7.64
CA ALA C 54 -12.63 -1.66 7.96
C ALA C 54 -12.36 -0.59 6.90
N ILE C 55 -12.53 -0.94 5.63
CA ILE C 55 -12.32 0.04 4.56
C ILE C 55 -13.29 1.22 4.70
N GLU C 56 -14.56 0.90 4.91
CA GLU C 56 -15.60 1.89 5.10
C GLU C 56 -15.23 2.80 6.29
N GLU C 57 -14.89 2.22 7.44
CA GLU C 57 -14.60 3.02 8.66
C GLU C 57 -13.30 3.83 8.55
N ALA C 58 -12.29 3.25 7.92
CA ALA C 58 -11.01 3.96 7.69
C ALA C 58 -11.22 5.22 6.87
N MSE C 59 -11.87 5.08 5.72
CA MSE C 59 -12.04 6.16 4.75
C MSE C 59 -12.98 7.25 5.25
O MSE C 59 -12.80 8.41 4.89
CB MSE C 59 -12.47 5.61 3.39
CG MSE C 59 -11.50 4.50 2.86
SE MSE C 59 -9.55 4.90 3.05
CE MSE C 59 -9.59 6.41 2.05
N LYS C 60 -13.93 6.89 6.09
CA LYS C 60 -14.81 7.88 6.75
C LYS C 60 -14.04 8.97 7.52
N ASN C 61 -12.85 8.62 8.03
CA ASN C 61 -11.96 9.61 8.68
C ASN C 61 -11.60 10.80 7.80
N GLN C 62 -11.47 10.56 6.49
CA GLN C 62 -10.91 11.58 5.60
C GLN C 62 -11.76 12.85 5.48
N PRO C 63 -11.12 14.00 5.18
CA PRO C 63 -11.92 15.23 4.99
C PRO C 63 -13.18 15.07 4.16
N CYS C 64 -14.31 15.54 4.72
CA CYS C 64 -15.56 15.76 4.01
C CYS C 64 -16.30 14.47 3.62
N VAL C 65 -15.85 13.32 4.14
CA VAL C 65 -16.54 12.07 3.85
C VAL C 65 -17.81 12.00 4.70
N TYR C 66 -18.95 11.96 4.03
CA TYR C 66 -20.26 11.93 4.69
C TYR C 66 -20.74 10.50 4.94
N ASP C 67 -20.59 9.66 3.93
CA ASP C 67 -20.95 8.24 4.07
C ASP C 67 -20.21 7.46 2.98
N ILE C 68 -20.15 6.15 3.17
CA ILE C 68 -19.44 5.27 2.24
C ILE C 68 -19.93 3.84 2.39
N LYS C 69 -19.98 3.11 1.28
CA LYS C 69 -20.33 1.71 1.28
C LYS C 69 -19.35 0.99 0.37
N VAL C 70 -18.76 -0.07 0.90
CA VAL C 70 -17.74 -0.84 0.16
C VAL C 70 -18.21 -2.28 0.03
N LYS C 71 -18.28 -2.76 -1.22
CA LYS C 71 -18.53 -4.15 -1.53
C LYS C 71 -17.36 -4.68 -2.35
N ILE C 72 -16.88 -5.88 -2.00
CA ILE C 72 -15.83 -6.55 -2.77
C ILE C 72 -16.50 -7.72 -3.49
N ARG C 73 -16.33 -7.77 -4.80
CA ARG C 73 -17.03 -8.73 -5.64
C ARG C 73 -16.14 -9.93 -5.93
N ASN C 74 -16.78 -11.03 -6.34
CA ASN C 74 -16.08 -12.26 -6.78
C ASN C 74 -15.08 -12.82 -5.77
N VAL C 75 -15.42 -12.72 -4.49
CA VAL C 75 -14.55 -13.25 -3.42
C VAL C 75 -14.82 -14.76 -3.28
N GLY C 76 -13.74 -15.55 -3.29
CA GLY C 76 -13.87 -17.00 -3.21
C GLY C 76 -13.43 -17.56 -1.87
N GLU C 77 -13.61 -18.86 -1.70
CA GLU C 77 -13.11 -19.56 -0.54
C GLU C 77 -11.57 -19.48 -0.44
N LYS C 78 -10.89 -19.66 -1.57
CA LYS C 78 -9.43 -19.52 -1.60
C LYS C 78 -9.10 -18.03 -1.69
N TYR C 79 -8.15 -17.57 -0.89
CA TYR C 79 -7.85 -16.15 -0.89
C TYR C 79 -7.17 -15.72 -2.19
N VAL C 80 -7.43 -14.47 -2.57
CA VAL C 80 -6.68 -13.78 -3.63
C VAL C 80 -6.23 -12.40 -3.10
N SER C 81 -5.23 -11.80 -3.75
CA SER C 81 -4.82 -10.43 -3.45
C SER C 81 -5.95 -9.58 -3.99
N LEU C 82 -6.48 -8.68 -3.16
CA LEU C 82 -7.52 -7.75 -3.64
C LEU C 82 -7.09 -7.05 -4.92
N ASP C 83 -7.95 -7.12 -5.92
CA ASP C 83 -7.73 -6.50 -7.21
C ASP C 83 -8.70 -5.33 -7.32
N GLY C 84 -8.23 -4.22 -7.89
CA GLY C 84 -9.08 -3.02 -8.05
C GLY C 84 -10.40 -3.28 -8.79
N LYS C 85 -10.41 -4.27 -9.68
CA LYS C 85 -11.62 -4.58 -10.46
C LYS C 85 -12.70 -5.30 -9.62
N MSE C 86 -12.32 -5.76 -8.43
CA MSE C 86 -13.24 -6.38 -7.47
C MSE C 86 -13.97 -5.38 -6.58
O MSE C 86 -14.89 -5.75 -5.86
CB MSE C 86 -12.49 -7.38 -6.59
CG MSE C 86 -11.88 -8.54 -7.37
SE MSE C 86 -10.57 -9.54 -6.34
CE MSE C 86 -11.72 -10.23 -4.94
N LEU C 87 -13.55 -4.12 -6.63
CA LEU C 87 -14.15 -3.08 -5.78
C LEU C 87 -15.42 -2.48 -6.33
N ASP C 88 -16.41 -2.32 -5.46
CA ASP C 88 -17.67 -1.67 -5.77
C ASP C 88 -17.95 -0.75 -4.61
N VAL C 89 -17.75 0.53 -4.84
CA VAL C 89 -17.82 1.54 -3.79
C VAL C 89 -18.83 2.65 -4.14
N ASP C 90 -19.70 2.96 -3.20
CA ASP C 90 -20.50 4.18 -3.25
C ASP C 90 -20.04 5.15 -2.17
N LEU C 91 -19.76 6.39 -2.58
CA LEU C 91 -19.19 7.39 -1.70
C LEU C 91 -19.97 8.71 -1.70
N LYS C 92 -20.30 9.22 -0.51
CA LYS C 92 -20.90 10.57 -0.40
C LYS C 92 -19.94 11.58 0.25
N ILE C 93 -19.77 12.69 -0.43
CA ILE C 93 -18.98 13.82 0.08
CA ILE C 93 -18.97 13.81 0.06
C ILE C 93 -19.94 14.99 0.28
N LYS C 94 -19.83 15.64 1.44
CA LYS C 94 -20.64 16.82 1.73
C LYS C 94 -19.77 18.05 1.95
N ILE C 95 -20.02 19.09 1.16
CA ILE C 95 -19.36 20.40 1.31
C ILE C 95 -20.50 21.41 1.53
N ASN C 96 -20.59 21.92 2.76
CA ASN C 96 -21.70 22.81 3.13
C ASN C 96 -23.02 22.11 2.83
N LYS C 97 -23.79 22.64 1.87
CA LYS C 97 -25.07 22.04 1.48
C LYS C 97 -24.97 21.13 0.26
N THR C 98 -23.80 21.08 -0.37
CA THR C 98 -23.63 20.28 -1.59
C THR C 98 -23.18 18.86 -1.23
N VAL C 99 -23.93 17.87 -1.74
CA VAL C 99 -23.56 16.46 -1.60
C VAL C 99 -23.28 15.85 -2.98
N ALA C 100 -22.06 15.37 -3.16
CA ALA C 100 -21.66 14.64 -4.36
C ALA C 100 -21.69 13.14 -4.08
N HIS C 101 -22.30 12.40 -5.01
CA HIS C 101 -22.39 10.94 -4.94
C HIS C 101 -21.44 10.36 -5.97
N LEU C 102 -20.45 9.60 -5.49
CA LEU C 102 -19.42 9.04 -6.39
C LEU C 102 -19.42 7.51 -6.34
N LYS C 103 -18.83 6.93 -7.38
CA LYS C 103 -18.87 5.50 -7.61
C LYS C 103 -17.50 5.03 -8.05
N LEU C 104 -17.10 3.88 -7.51
CA LEU C 104 -16.02 3.08 -8.07
C LEU C 104 -16.61 1.74 -8.44
N GLU C 105 -16.50 1.38 -9.73
CA GLU C 105 -16.99 0.08 -10.20
C GLU C 105 -16.31 -0.39 -11.48
N TYR C 106 -16.29 -1.70 -11.64
CA TYR C 106 -15.67 -2.32 -12.80
C TYR C 106 -16.55 -2.14 -14.05
N ILE C 107 -15.98 -1.55 -15.09
CA ILE C 107 -16.69 -1.35 -16.34
C ILE C 107 -16.14 -2.35 -17.37
N PRO C 108 -16.88 -3.46 -17.58
CA PRO C 108 -16.38 -4.52 -18.48
C PRO C 108 -15.95 -4.01 -19.87
N GLU C 109 -16.75 -3.09 -20.45
CA GLU C 109 -16.58 -2.59 -21.82
C GLU C 109 -15.24 -1.90 -22.07
N ILE C 110 -14.62 -1.37 -21.00
CA ILE C 110 -13.27 -0.79 -21.09
C ILE C 110 -12.30 -1.50 -20.11
N ASP C 111 -12.76 -2.61 -19.54
CA ASP C 111 -11.98 -3.46 -18.62
C ASP C 111 -11.23 -2.57 -17.60
N TYR C 112 -11.96 -1.67 -16.97
CA TYR C 112 -11.36 -0.63 -16.14
C TYR C 112 -12.15 -0.44 -14.84
N PRO C 113 -11.44 -0.33 -13.69
CA PRO C 113 -12.15 0.03 -12.46
C PRO C 113 -12.33 1.55 -12.46
N LEU C 114 -13.48 2.00 -12.94
CA LEU C 114 -13.72 3.43 -13.14
C LEU C 114 -14.20 4.16 -11.90
N MSE C 115 -13.62 5.31 -11.67
CA MSE C 115 -14.10 6.21 -10.62
C MSE C 115 -14.83 7.34 -11.31
O MSE C 115 -14.32 7.91 -12.24
CB MSE C 115 -12.93 6.76 -9.84
CG MSE C 115 -12.17 5.68 -9.08
SE MSE C 115 -10.48 6.35 -8.48
CE MSE C 115 -9.78 4.72 -7.79
N TYR C 116 -16.05 7.65 -10.84
CA TYR C 116 -16.85 8.71 -11.47
C TYR C 116 -17.86 9.35 -10.50
N VAL C 117 -18.47 10.44 -10.93
CA VAL C 117 -19.51 11.11 -10.16
C VAL C 117 -20.90 10.71 -10.69
N LYS C 118 -21.70 10.12 -9.80
CA LYS C 118 -23.01 9.61 -10.13
C LYS C 118 -24.01 10.76 -10.21
N LYS C 119 -24.01 11.63 -9.20
CA LYS C 119 -24.86 12.81 -9.18
C LYS C 119 -24.53 13.73 -8.00
N PHE C 120 -25.11 14.93 -8.03
CA PHE C 120 -25.03 15.90 -6.95
C PHE C 120 -26.42 16.10 -6.36
N GLU C 121 -26.49 16.53 -5.11
CA GLU C 121 -27.72 17.12 -4.55
C GLU C 121 -27.43 18.57 -4.18
N SER D 1 28.59 1.64 9.34
CA SER D 1 27.53 2.49 8.73
C SER D 1 26.45 2.83 9.76
N LEU D 2 25.41 3.53 9.32
CA LEU D 2 24.30 3.87 10.20
C LEU D 2 23.14 2.87 10.14
N ARG D 3 23.36 1.76 9.43
CA ARG D 3 22.32 0.75 9.28
C ARG D 3 21.93 0.14 10.63
N VAL D 4 20.62 0.07 10.88
CA VAL D 4 20.05 -0.33 12.16
C VAL D 4 20.51 -1.71 12.64
N GLU D 5 20.70 -2.64 11.70
CA GLU D 5 21.08 -4.02 12.01
C GLU D 5 22.51 -4.14 12.58
N GLU D 6 23.29 -3.08 12.45
CA GLU D 6 24.65 -3.04 13.01
C GLU D 6 24.70 -2.67 14.50
N THR D 7 23.59 -2.14 15.01
CA THR D 7 23.52 -1.72 16.41
C THR D 7 23.45 -2.93 17.35
N GLU D 8 24.02 -2.78 18.54
CA GLU D 8 23.97 -3.85 19.53
C GLU D 8 22.53 -4.11 20.01
N VAL D 9 21.72 -3.05 20.08
CA VAL D 9 20.32 -3.20 20.49
C VAL D 9 19.54 -4.09 19.51
N PHE D 10 19.71 -3.86 18.22
CA PHE D 10 19.07 -4.68 17.18
C PHE D 10 19.52 -6.13 17.30
N LYS D 11 20.84 -6.32 17.37
CA LYS D 11 21.43 -7.67 17.40
C LYS D 11 20.93 -8.55 18.54
N LYS D 12 20.69 -7.94 19.70
CA LYS D 12 20.28 -8.70 20.88
C LYS D 12 18.91 -9.39 20.70
N TYR D 13 18.09 -8.87 19.79
CA TYR D 13 16.80 -9.48 19.47
C TYR D 13 16.88 -10.70 18.57
N PHE D 14 18.09 -11.06 18.10
CA PHE D 14 18.26 -12.22 17.20
C PHE D 14 19.23 -13.31 17.68
N LYS D 15 19.60 -13.24 18.95
CA LYS D 15 20.46 -14.24 19.58
C LYS D 15 19.83 -15.64 19.63
N ASN D 16 18.50 -15.71 19.51
CA ASN D 16 17.80 -16.99 19.52
C ASN D 16 17.68 -17.73 18.18
N LEU D 17 18.24 -17.15 17.11
CA LEU D 17 18.16 -17.78 15.78
C LEU D 17 19.52 -18.17 15.20
N THR D 18 19.52 -19.22 14.38
CA THR D 18 20.70 -19.62 13.63
C THR D 18 20.83 -18.61 12.48
N ASP D 19 21.99 -18.57 11.85
CA ASP D 19 22.20 -17.66 10.74
C ASP D 19 21.27 -17.98 9.56
N ARG D 20 21.00 -19.27 9.32
CA ARG D 20 20.09 -19.67 8.24
C ARG D 20 18.66 -19.23 8.56
N GLU D 21 18.24 -19.41 9.82
CA GLU D 21 16.94 -18.93 10.27
C GLU D 21 16.83 -17.41 10.12
N ARG D 22 17.81 -16.68 10.60
CA ARG D 22 17.81 -15.21 10.40
C ARG D 22 17.72 -14.81 8.93
N ALA D 23 18.49 -15.47 8.06
CA ALA D 23 18.59 -15.09 6.63
C ALA D 23 17.24 -15.23 5.93
N VAL D 24 16.56 -16.31 6.28
CA VAL D 24 15.30 -16.70 5.70
C VAL D 24 14.18 -15.82 6.30
N PHE D 25 14.28 -15.51 7.59
CA PHE D 25 13.35 -14.58 8.23
C PHE D 25 13.45 -13.21 7.55
N GLU D 26 14.67 -12.70 7.42
CA GLU D 26 14.89 -11.37 6.82
C GLU D 26 14.48 -11.36 5.34
N GLY D 27 14.76 -12.46 4.64
CA GLY D 27 14.34 -12.59 3.23
C GLY D 27 12.83 -12.60 3.08
N GLY D 28 12.17 -13.33 3.97
CA GLY D 28 10.70 -13.35 4.02
C GLY D 28 10.12 -11.95 4.24
N ILE D 29 10.65 -11.20 5.22
CA ILE D 29 10.21 -9.81 5.42
C ILE D 29 10.30 -8.97 4.15
N THR D 30 11.44 -9.07 3.47
CA THR D 30 11.69 -8.22 2.29
C THR D 30 10.81 -8.57 1.11
N LEU D 31 10.57 -9.85 0.89
CA LEU D 31 9.65 -10.28 -0.15
C LEU D 31 8.20 -9.88 0.15
N GLY D 32 7.76 -10.09 1.39
CA GLY D 32 6.43 -9.60 1.82
C GLY D 32 6.27 -8.10 1.69
N ALA D 33 7.28 -7.37 2.17
CA ALA D 33 7.31 -5.91 2.10
C ALA D 33 7.15 -5.40 0.68
N LEU D 34 7.97 -5.91 -0.24
CA LEU D 34 7.96 -5.41 -1.62
C LEU D 34 6.66 -5.74 -2.35
N PHE D 35 6.13 -6.94 -2.15
CA PHE D 35 4.85 -7.34 -2.76
C PHE D 35 3.80 -6.33 -2.32
N HIS D 36 3.67 -6.12 -1.02
CA HIS D 36 2.54 -5.34 -0.52
C HIS D 36 2.72 -3.83 -0.61
N GLN D 37 3.98 -3.38 -0.63
CA GLN D 37 4.26 -1.98 -0.90
C GLN D 37 3.89 -1.60 -2.35
N PHE D 38 4.21 -2.46 -3.31
CA PHE D 38 4.17 -2.05 -4.73
C PHE D 38 3.02 -2.53 -5.58
N VAL D 39 2.37 -3.62 -5.18
CA VAL D 39 1.19 -4.07 -5.90
C VAL D 39 0.20 -2.90 -5.90
N GLY D 40 -0.46 -2.69 -7.03
CA GLY D 40 -1.37 -1.54 -7.20
C GLY D 40 -0.76 -0.39 -8.01
N THR D 41 0.56 -0.35 -8.08
CA THR D 41 1.28 0.78 -8.73
C THR D 41 0.98 0.76 -10.23
N PRO D 42 0.56 1.90 -10.81
CA PRO D 42 0.37 1.94 -12.27
C PRO D 42 1.67 1.54 -13.02
N VAL D 43 1.56 0.62 -13.98
CA VAL D 43 2.75 0.20 -14.74
C VAL D 43 2.47 -0.03 -16.23
N SER D 44 3.32 0.58 -17.06
CA SER D 44 3.33 0.41 -18.50
C SER D 44 4.80 0.37 -18.95
N LYS D 45 5.02 0.19 -20.25
CA LYS D 45 6.36 0.26 -20.84
C LYS D 45 7.02 1.59 -20.51
N TYR D 46 6.21 2.64 -20.41
CA TYR D 46 6.68 3.97 -20.00
C TYR D 46 7.50 3.99 -18.69
N ASN D 47 7.01 3.34 -17.65
CA ASN D 47 7.70 3.44 -16.35
C ASN D 47 8.24 2.10 -15.84
N LYS D 48 8.17 1.05 -16.66
CA LYS D 48 8.65 -0.27 -16.24
C LYS D 48 10.05 -0.17 -15.60
N GLU D 49 10.99 0.48 -16.29
CA GLU D 49 12.37 0.50 -15.82
C GLU D 49 12.57 1.27 -14.52
N SER D 50 11.96 2.46 -14.41
CA SER D 50 12.11 3.27 -13.19
C SER D 50 11.46 2.57 -12.01
N LEU D 51 10.36 1.85 -12.26
CA LEU D 51 9.69 1.11 -11.18
C LEU D 51 10.54 -0.06 -10.68
N GLU D 52 11.07 -0.85 -11.62
CA GLU D 52 11.98 -1.96 -11.28
C GLU D 52 13.16 -1.46 -10.44
N ARG D 53 13.78 -0.38 -10.91
CA ARG D 53 14.95 0.19 -10.26
C ARG D 53 14.60 0.74 -8.88
N ALA D 54 13.50 1.47 -8.77
CA ALA D 54 13.09 2.01 -7.47
C ALA D 54 12.76 0.93 -6.44
N ILE D 55 12.14 -0.17 -6.88
CA ILE D 55 11.84 -1.27 -5.96
C ILE D 55 13.14 -1.86 -5.43
N GLU D 56 14.07 -2.16 -6.36
CA GLU D 56 15.41 -2.65 -6.00
C GLU D 56 16.09 -1.75 -4.95
N GLU D 57 16.22 -0.45 -5.25
CA GLU D 57 16.90 0.45 -4.34
C GLU D 57 16.18 0.66 -3.00
N ALA D 58 14.86 0.74 -3.04
CA ALA D 58 14.10 0.83 -1.80
C ALA D 58 14.35 -0.38 -0.89
N MSE D 59 14.25 -1.58 -1.44
CA MSE D 59 14.38 -2.81 -0.65
C MSE D 59 15.81 -3.00 -0.09
O MSE D 59 15.99 -3.57 0.98
CB MSE D 59 13.93 -4.04 -1.46
CG MSE D 59 12.45 -4.04 -1.85
SE MSE D 59 11.29 -3.52 -0.35
CE MSE D 59 10.98 -2.30 -0.75
N LYS D 60 16.79 -2.49 -0.82
CA LYS D 60 18.19 -2.50 -0.38
C LYS D 60 18.43 -1.79 0.95
N ASN D 61 17.55 -0.87 1.33
CA ASN D 61 17.60 -0.22 2.63
C ASN D 61 17.40 -1.18 3.81
N GLN D 62 16.63 -2.25 3.59
CA GLN D 62 16.17 -3.08 4.68
C GLN D 62 17.28 -3.94 5.27
N PRO D 63 17.18 -4.26 6.58
CA PRO D 63 18.18 -5.10 7.23
C PRO D 63 18.61 -6.33 6.42
N CYS D 64 19.94 -6.45 6.28
CA CYS D 64 20.61 -7.64 5.78
C CYS D 64 20.43 -7.94 4.29
N VAL D 65 19.84 -7.01 3.54
CA VAL D 65 19.70 -7.21 2.09
C VAL D 65 21.08 -7.06 1.42
N TYR D 66 21.57 -8.14 0.83
CA TYR D 66 22.86 -8.09 0.15
C TYR D 66 22.68 -7.58 -1.29
N ASP D 67 21.68 -8.11 -1.98
CA ASP D 67 21.42 -7.70 -3.36
C ASP D 67 20.00 -8.08 -3.74
N ILE D 68 19.50 -7.47 -4.81
CA ILE D 68 18.12 -7.71 -5.25
C ILE D 68 17.97 -7.35 -6.71
N LYS D 69 17.26 -8.19 -7.44
CA LYS D 69 16.93 -7.91 -8.81
C LYS D 69 15.43 -8.09 -9.00
N VAL D 70 14.82 -7.10 -9.64
CA VAL D 70 13.37 -7.07 -9.83
C VAL D 70 13.06 -6.95 -11.32
N LYS D 71 12.27 -7.91 -11.81
CA LYS D 71 11.71 -7.89 -13.16
CA LYS D 71 11.70 -7.84 -13.15
C LYS D 71 10.18 -7.88 -13.10
N ILE D 72 9.54 -6.97 -13.84
CA ILE D 72 8.10 -6.95 -13.94
C ILE D 72 7.77 -7.56 -15.32
N ARG D 73 7.02 -8.65 -15.31
CA ARG D 73 6.65 -9.38 -16.54
C ARG D 73 5.31 -8.94 -17.12
N ASN D 74 5.13 -9.17 -18.43
CA ASN D 74 3.87 -8.88 -19.12
C ASN D 74 3.41 -7.43 -19.06
N VAL D 75 4.37 -6.52 -19.10
CA VAL D 75 4.09 -5.07 -19.16
C VAL D 75 3.79 -4.67 -20.61
N GLY D 76 2.70 -3.94 -20.81
CA GLY D 76 2.30 -3.50 -22.16
C GLY D 76 2.36 -2.00 -22.36
N GLU D 77 1.98 -1.56 -23.56
CA GLU D 77 1.87 -0.13 -23.87
C GLU D 77 0.84 0.57 -23.01
N LYS D 78 -0.28 -0.11 -22.78
CA LYS D 78 -1.34 0.40 -21.93
C LYS D 78 -1.07 0.01 -20.48
N TYR D 79 -1.25 0.94 -19.56
CA TYR D 79 -0.93 0.69 -18.15
C TYR D 79 -1.94 -0.24 -17.45
N VAL D 80 -1.46 -0.97 -16.46
CA VAL D 80 -2.29 -1.79 -15.58
C VAL D 80 -1.81 -1.53 -14.17
N SER D 81 -2.64 -1.85 -13.18
CA SER D 81 -2.18 -1.86 -11.79
C SER D 81 -1.24 -3.05 -11.65
N LEU D 82 -0.06 -2.81 -11.08
CA LEU D 82 0.85 -3.91 -10.82
C LEU D 82 0.14 -4.97 -9.98
N ASP D 83 0.23 -6.21 -10.46
CA ASP D 83 -0.24 -7.30 -9.63
CA ASP D 83 -0.31 -7.41 -9.82
C ASP D 83 0.88 -8.27 -9.37
N GLY D 84 0.75 -8.95 -8.22
CA GLY D 84 1.80 -9.79 -7.68
C GLY D 84 2.28 -10.90 -8.62
N LYS D 85 1.40 -11.36 -9.51
CA LYS D 85 1.72 -12.42 -10.47
C LYS D 85 2.67 -11.95 -11.59
N MSE D 86 2.81 -10.64 -11.73
CA MSE D 86 3.77 -10.04 -12.68
C MSE D 86 5.21 -9.91 -12.14
O MSE D 86 6.13 -9.58 -12.90
CB MSE D 86 3.24 -8.68 -13.16
CG MSE D 86 1.85 -8.74 -13.80
SE MSE D 86 1.06 -6.97 -14.01
CE MSE D 86 2.43 -6.18 -15.15
N LEU D 87 5.39 -10.13 -10.83
CA LEU D 87 6.70 -9.96 -10.20
C LEU D 87 7.60 -11.17 -10.37
N ASP D 88 8.87 -10.91 -10.64
CA ASP D 88 9.90 -11.96 -10.78
C ASP D 88 11.12 -11.35 -10.09
N VAL D 89 11.39 -11.84 -8.88
CA VAL D 89 12.37 -11.22 -7.99
C VAL D 89 13.41 -12.22 -7.51
N ASP D 90 14.68 -11.84 -7.62
CA ASP D 90 15.76 -12.59 -7.03
C ASP D 90 16.38 -11.77 -5.92
N LEU D 91 16.37 -12.32 -4.71
CA LEU D 91 16.85 -11.62 -3.52
C LEU D 91 17.95 -12.40 -2.84
N LYS D 92 19.00 -11.68 -2.41
CA LYS D 92 20.08 -12.24 -1.58
C LYS D 92 20.14 -11.59 -0.19
N ILE D 93 20.08 -12.41 0.83
CA ILE D 93 20.23 -11.95 2.22
C ILE D 93 21.54 -12.53 2.75
N LYS D 94 22.33 -11.69 3.42
CA LYS D 94 23.59 -12.15 4.02
C LYS D 94 23.61 -11.99 5.54
N ILE D 95 23.82 -13.10 6.24
CA ILE D 95 23.97 -13.10 7.69
C ILE D 95 25.33 -13.73 7.99
N ASN D 96 26.29 -12.88 8.37
CA ASN D 96 27.66 -13.32 8.60
C ASN D 96 28.19 -13.98 7.33
N LYS D 97 28.46 -15.28 7.33
CA LYS D 97 28.93 -15.92 6.10
C LYS D 97 27.86 -16.74 5.37
N THR D 98 26.63 -16.68 5.87
CA THR D 98 25.50 -17.37 5.28
C THR D 98 24.80 -16.43 4.30
N VAL D 99 24.59 -16.90 3.06
CA VAL D 99 23.83 -16.15 2.06
C VAL D 99 22.64 -16.99 1.61
N ALA D 100 21.43 -16.48 1.86
CA ALA D 100 20.21 -17.09 1.33
C ALA D 100 19.81 -16.38 0.02
N HIS D 101 19.57 -17.18 -1.03
CA HIS D 101 19.02 -16.72 -2.30
C HIS D 101 17.54 -17.05 -2.29
N LEU D 102 16.71 -16.02 -2.32
CA LEU D 102 15.26 -16.19 -2.28
C LEU D 102 14.62 -15.80 -3.60
N LYS D 103 13.44 -16.36 -3.87
CA LYS D 103 12.73 -16.12 -5.14
C LYS D 103 11.25 -15.75 -4.90
N LEU D 104 10.79 -14.76 -5.67
CA LEU D 104 9.36 -14.52 -5.90
C LEU D 104 9.07 -14.70 -7.39
N GLU D 105 8.21 -15.65 -7.72
CA GLU D 105 7.82 -15.88 -9.12
C GLU D 105 6.42 -16.48 -9.23
N TYR D 106 5.81 -16.26 -10.39
CA TYR D 106 4.47 -16.80 -10.64
C TYR D 106 4.54 -18.31 -10.95
N ILE D 107 3.76 -19.08 -10.22
CA ILE D 107 3.62 -20.51 -10.47
C ILE D 107 2.24 -20.79 -11.10
N PRO D 108 2.21 -20.98 -12.43
CA PRO D 108 0.94 -21.16 -13.14
C PRO D 108 0.10 -22.35 -12.60
N GLU D 109 0.76 -23.45 -12.24
CA GLU D 109 0.10 -24.68 -11.73
C GLU D 109 -0.80 -24.44 -10.50
N ILE D 110 -0.44 -23.46 -9.67
CA ILE D 110 -1.28 -23.10 -8.52
C ILE D 110 -1.77 -21.64 -8.59
N ASP D 111 -1.61 -21.03 -9.76
CA ASP D 111 -2.02 -19.66 -10.01
C ASP D 111 -1.65 -18.75 -8.83
N TYR D 112 -0.38 -18.78 -8.46
CA TYR D 112 0.06 -18.18 -7.21
C TYR D 112 1.45 -17.52 -7.34
N PRO D 113 1.58 -16.29 -6.81
CA PRO D 113 2.87 -15.62 -6.81
C PRO D 113 3.66 -16.12 -5.58
N LEU D 114 4.54 -17.10 -5.81
CA LEU D 114 5.16 -17.84 -4.71
C LEU D 114 6.50 -17.29 -4.30
N MSE D 115 6.67 -17.16 -2.98
CA MSE D 115 7.94 -16.80 -2.35
C MSE D 115 8.57 -18.05 -1.75
O MSE D 115 7.91 -18.77 -0.98
CB MSE D 115 7.71 -15.78 -1.25
CG MSE D 115 7.07 -14.49 -1.77
SE MSE D 115 6.36 -13.42 -0.32
CE MSE D 115 5.51 -12.08 -1.51
N TYR D 116 9.83 -18.31 -2.09
CA TYR D 116 10.53 -19.48 -1.54
C TYR D 116 12.03 -19.22 -1.46
N VAL D 117 12.76 -20.18 -0.90
CA VAL D 117 14.21 -20.09 -0.86
C VAL D 117 14.83 -20.98 -1.95
N LYS D 118 15.56 -20.36 -2.86
CA LYS D 118 16.18 -21.05 -3.97
C LYS D 118 17.36 -21.90 -3.49
N LYS D 119 18.27 -21.28 -2.74
CA LYS D 119 19.48 -21.96 -2.25
C LYS D 119 20.17 -21.16 -1.16
N PHE D 120 21.08 -21.82 -0.44
CA PHE D 120 21.97 -21.16 0.52
C PHE D 120 23.40 -21.23 0.01
N GLU D 121 24.20 -20.22 0.33
CA GLU D 121 25.65 -20.37 0.33
C GLU D 121 26.09 -20.27 1.77
N GLU D 122 26.81 -21.26 2.28
CA GLU D 122 27.36 -21.15 3.64
C GLU D 122 28.79 -21.64 3.75
N9 OXG E . -10.01 4.47 -11.80
C8 OXG E . -8.73 4.27 -11.44
N7 OXG E . -7.85 5.29 -11.58
C5 OXG E . -8.62 6.29 -12.09
C6 OXG E . -8.46 7.70 -12.51
O6 OXG E . -7.38 8.31 -12.45
N1 OXG E . -9.57 8.32 -12.98
C2 OXG E . -10.80 7.75 -13.06
N2 OXG E . -11.83 8.52 -13.52
N3 OXG E . -11.03 6.46 -12.69
C4 OXG E . -9.99 5.74 -12.20
O8 OXG E . -8.38 3.13 -11.01
N9 OXG F . -4.44 15.33 2.35
C8 OXG F . -4.61 14.04 2.69
N7 OXG F . -5.86 13.52 2.63
C5 OXG F . -6.60 14.56 2.20
C6 OXG F . -8.02 14.80 1.86
O6 OXG F . -8.89 13.93 1.95
N1 OXG F . -8.34 16.05 1.46
C2 OXG F . -7.42 17.05 1.31
N2 OXG F . -7.83 18.25 0.87
N3 OXG F . -6.10 16.91 1.60
C4 OXG F . -5.69 15.70 2.02
O8 OXG F . -3.61 13.36 3.09
S SO4 G . -1.67 2.59 23.99
O1 SO4 G . -2.16 3.49 22.96
O2 SO4 G . -0.44 3.12 24.58
O3 SO4 G . -2.70 2.47 25.03
O4 SO4 G . -1.41 1.27 23.44
N9 OXG H . 11.02 -4.06 10.86
C8 OXG H . 10.80 -3.50 9.67
N7 OXG H . 11.50 -3.96 8.60
C5 OXG H . 12.27 -4.91 9.12
C6 OXG H . 13.29 -5.87 8.61
O6 OXG H . 13.64 -5.90 7.40
N1 OXG H . 13.84 -6.70 9.54
C2 OXG H . 13.50 -6.71 10.87
N2 OXG H . 14.13 -7.61 11.65
N3 OXG H . 12.57 -5.86 11.41
C4 OXG H . 11.96 -4.98 10.57
O8 OXG H . 9.96 -2.56 9.55
C1 GOL I . -20.51 -3.93 6.56
O1 GOL I . -19.92 -2.67 6.70
C2 GOL I . -19.57 -4.71 5.66
O2 GOL I . -19.16 -5.90 6.32
C3 GOL I . -20.22 -4.94 4.30
O3 GOL I . -20.12 -3.75 3.49
C1 GOL J . -15.15 9.63 11.78
O1 GOL J . -14.45 10.62 12.50
C2 GOL J . -16.40 10.21 11.12
O2 GOL J . -16.47 11.59 11.32
C3 GOL J . -17.66 9.56 11.68
O3 GOL J . -18.38 10.44 12.49
S SO4 K . 7.89 -10.87 -20.15
O1 SO4 K . 7.33 -9.53 -20.03
O2 SO4 K . 8.81 -11.11 -19.04
O3 SO4 K . 6.83 -11.87 -20.13
O4 SO4 K . 8.62 -10.96 -21.40
N9 OXG L . 3.53 -15.53 -1.87
C8 OXG L . 2.71 -14.60 -1.36
N7 OXG L . 2.41 -14.66 -0.04
C5 OXG L . 3.09 -15.73 0.39
C6 OXG L . 3.28 -16.43 1.68
O6 OXG L . 2.72 -16.03 2.74
N1 OXG L . 4.09 -17.52 1.65
C2 OXG L . 4.72 -17.97 0.53
N2 OXG L . 5.51 -19.06 0.66
N3 OXG L . 4.60 -17.38 -0.70
C4 OXG L . 3.81 -16.28 -0.78
O8 OXG L . 2.23 -13.71 -2.11
#